data_6QHB
#
_entry.id   6QHB
#
_cell.length_a   57.840
_cell.length_b   45.950
_cell.length_c   90.730
_cell.angle_alpha   90.00
_cell.angle_beta   93.54
_cell.angle_gamma   90.00
#
_symmetry.space_group_name_H-M   'P 1 21 1'
#
loop_
_entity.id
_entity.type
_entity.pdbx_description
1 polymer Kallikrein-6
2 non-polymer ~{N}-(4-carbamimidoylphenyl)-3-methoxy-2-oxidanyl-benzamide
3 non-polymer GLYCEROL
4 water water
#
_entity_poly.entity_id   1
_entity_poly.type   'polypeptide(L)'
_entity_poly.pdbx_seq_one_letter_code
;LVHGGPCDKTSHPYQAALYTSGHLLCGGVLIHPLWVLTAAHCKKPNLQVFLGKHNLGQQESSQEQSSVVRAVIHPDYDAA
SHDQDIMLLRLARPAKLSELIQPLPLERDCSAQTTSCHILGWGKTADGDFPDTIQCAYIHLVSREECEHAYPGQITQNML
CAGDEKYGKDSCQGDSGGPLVCGDHLRGLVSWGNIPCGSKEKPGVYTNVCRYTNWIQKTIQAK
;
_entity_poly.pdbx_strand_id   A,B
#
# COMPACT_ATOMS: atom_id res chain seq x y z
N LEU A 1 4.79 2.17 -14.47
CA LEU A 1 5.45 2.26 -15.78
C LEU A 1 4.36 2.41 -16.84
N VAL A 2 4.48 3.45 -17.68
CA VAL A 2 3.50 3.73 -18.74
C VAL A 2 3.96 3.20 -20.11
N HIS A 3 3.01 2.66 -20.91
CA HIS A 3 3.18 2.19 -22.28
C HIS A 3 4.07 0.95 -22.41
N GLY A 4 4.17 0.17 -21.34
CA GLY A 4 4.95 -1.06 -21.39
C GLY A 4 4.03 -2.26 -21.41
N GLY A 5 4.52 -3.39 -20.94
CA GLY A 5 3.73 -4.61 -20.89
C GLY A 5 4.25 -5.52 -19.80
N PRO A 6 3.55 -6.66 -19.51
CA PRO A 6 4.03 -7.55 -18.43
C PRO A 6 5.41 -8.16 -18.73
N CYS A 7 6.29 -8.24 -17.71
CA CYS A 7 7.63 -8.82 -17.85
C CYS A 7 7.53 -10.31 -17.98
N ASP A 8 8.59 -10.94 -18.53
CA ASP A 8 8.73 -12.39 -18.54
C ASP A 8 8.98 -12.77 -17.05
N LYS A 9 8.28 -13.83 -16.55
CA LYS A 9 8.40 -14.31 -15.16
C LYS A 9 9.83 -14.49 -14.60
N THR A 10 10.81 -14.87 -15.44
CA THR A 10 12.19 -15.15 -14.97
C THR A 10 13.22 -14.06 -15.29
N SER A 11 12.79 -12.92 -15.83
CA SER A 11 13.74 -11.90 -16.25
C SER A 11 14.06 -10.80 -15.21
N HIS A 12 13.43 -10.81 -14.02
CA HIS A 12 13.65 -9.73 -13.03
C HIS A 12 13.97 -10.26 -11.61
N PRO A 13 14.95 -11.18 -11.45
CA PRO A 13 15.19 -11.77 -10.11
C PRO A 13 15.78 -10.79 -9.08
N TYR A 14 16.24 -9.61 -9.55
CA TYR A 14 16.85 -8.53 -8.72
C TYR A 14 15.83 -7.51 -8.24
N GLN A 15 14.62 -7.60 -8.75
CA GLN A 15 13.62 -6.60 -8.43
C GLN A 15 13.05 -6.78 -7.03
N ALA A 16 12.99 -5.69 -6.26
CA ALA A 16 12.38 -5.71 -4.93
C ALA A 16 11.15 -4.82 -4.96
N ALA A 17 10.16 -5.17 -4.14
CA ALA A 17 8.97 -4.34 -3.90
C ALA A 17 9.09 -3.84 -2.44
N LEU A 18 8.98 -2.51 -2.24
CA LEU A 18 9.08 -1.84 -0.93
C LEU A 18 7.70 -1.46 -0.45
N TYR A 19 7.34 -1.89 0.77
CA TYR A 19 6.02 -1.61 1.34
C TYR A 19 6.16 -0.81 2.62
N THR A 20 5.16 0.02 2.91
CA THR A 20 5.06 0.76 4.16
C THR A 20 3.56 0.81 4.48
N SER A 21 3.20 0.50 5.74
CA SER A 21 1.81 0.48 6.22
C SER A 21 0.93 -0.50 5.40
N GLY A 22 1.55 -1.57 4.91
CA GLY A 22 0.86 -2.57 4.11
C GLY A 22 0.58 -2.16 2.67
N HIS A 23 1.12 -1.03 2.20
CA HIS A 23 0.88 -0.62 0.82
C HIS A 23 2.16 -0.52 0.03
N LEU A 24 2.09 -0.84 -1.28
CA LEU A 24 3.30 -0.70 -2.12
C LEU A 24 3.72 0.78 -2.12
N LEU A 25 5.00 1.02 -2.00
CA LEU A 25 5.56 2.37 -1.99
C LEU A 25 6.56 2.64 -3.13
N CYS A 26 7.52 1.73 -3.30
CA CYS A 26 8.61 1.90 -4.25
C CYS A 26 9.08 0.56 -4.76
N GLY A 27 9.99 0.66 -5.70
CA GLY A 27 10.78 -0.44 -6.21
C GLY A 27 12.13 -0.37 -5.52
N GLY A 28 12.97 -1.32 -5.83
CA GLY A 28 14.30 -1.43 -5.28
C GLY A 28 15.05 -2.46 -6.06
N VAL A 29 16.38 -2.53 -5.85
N VAL A 29 16.36 -2.56 -5.82
CA VAL A 29 17.26 -3.47 -6.52
CA VAL A 29 17.18 -3.52 -6.51
C VAL A 29 18.05 -4.26 -5.50
C VAL A 29 18.09 -4.27 -5.55
N LEU A 30 18.05 -5.58 -5.60
CA LEU A 30 18.90 -6.42 -4.77
C LEU A 30 20.32 -6.34 -5.35
N ILE A 31 21.30 -5.94 -4.53
CA ILE A 31 22.68 -5.83 -5.04
C ILE A 31 23.66 -6.72 -4.29
N HIS A 32 23.22 -7.32 -3.20
CA HIS A 32 24.02 -8.17 -2.31
C HIS A 32 22.99 -8.95 -1.50
N PRO A 33 23.23 -10.19 -1.03
CA PRO A 33 22.18 -10.87 -0.22
C PRO A 33 21.63 -10.04 0.96
N LEU A 34 22.42 -9.13 1.57
CA LEU A 34 21.94 -8.33 2.71
C LEU A 34 21.52 -6.90 2.34
N TRP A 35 21.66 -6.48 1.06
CA TRP A 35 21.43 -5.07 0.72
C TRP A 35 20.57 -4.82 -0.50
N VAL A 36 19.62 -3.90 -0.35
CA VAL A 36 18.76 -3.47 -1.45
C VAL A 36 19.04 -1.97 -1.67
N LEU A 37 19.21 -1.54 -2.94
CA LEU A 37 19.44 -0.15 -3.32
C LEU A 37 18.11 0.41 -3.81
N THR A 38 17.80 1.63 -3.39
CA THR A 38 16.55 2.30 -3.78
C THR A 38 16.79 3.83 -3.81
N ALA A 39 15.75 4.64 -4.03
CA ALA A 39 15.87 6.09 -4.04
C ALA A 39 15.71 6.57 -2.60
N ALA A 40 16.40 7.65 -2.23
CA ALA A 40 16.32 8.26 -0.89
C ALA A 40 14.94 8.82 -0.60
N HIS A 41 14.20 9.27 -1.64
CA HIS A 41 12.85 9.80 -1.40
C HIS A 41 11.84 8.68 -1.06
N CYS A 42 12.27 7.39 -1.11
CA CYS A 42 11.43 6.25 -0.71
C CYS A 42 11.54 5.98 0.80
N LYS A 43 12.29 6.80 1.55
CA LYS A 43 12.41 6.59 2.99
C LYS A 43 11.04 6.79 3.69
N LYS A 44 10.54 5.72 4.32
CA LYS A 44 9.26 5.73 5.08
C LYS A 44 9.42 4.85 6.30
N PRO A 45 8.56 5.00 7.35
CA PRO A 45 8.73 4.13 8.53
C PRO A 45 8.54 2.63 8.28
N ASN A 46 9.40 1.82 8.95
CA ASN A 46 9.33 0.35 9.00
C ASN A 46 9.14 -0.34 7.63
N LEU A 47 9.99 -0.03 6.64
CA LEU A 47 9.89 -0.60 5.29
C LEU A 47 9.92 -2.12 5.30
N GLN A 48 9.10 -2.75 4.45
CA GLN A 48 9.10 -4.22 4.29
C GLN A 48 9.55 -4.46 2.88
N VAL A 49 10.55 -5.33 2.72
CA VAL A 49 11.09 -5.63 1.39
C VAL A 49 10.58 -7.01 0.97
N PHE A 50 10.01 -7.11 -0.24
CA PHE A 50 9.57 -8.37 -0.82
C PHE A 50 10.45 -8.66 -2.02
N LEU A 51 11.11 -9.82 -2.00
CA LEU A 51 11.95 -10.32 -3.12
C LEU A 51 11.22 -11.52 -3.76
N GLY A 52 11.58 -11.84 -5.00
CA GLY A 52 11.03 -12.93 -5.78
C GLY A 52 9.56 -12.80 -6.11
N LYS A 53 9.05 -11.57 -6.18
CA LYS A 53 7.66 -11.33 -6.55
C LYS A 53 7.51 -10.99 -8.05
N HIS A 54 6.34 -11.36 -8.62
CA HIS A 54 5.95 -11.09 -10.01
C HIS A 54 4.58 -10.40 -10.01
N ASN A 55 3.61 -11.02 -9.32
CA ASN A 55 2.23 -10.55 -9.17
C ASN A 55 2.00 -10.20 -7.68
N LEU A 56 1.78 -8.91 -7.40
CA LEU A 56 1.61 -8.40 -6.04
C LEU A 56 0.32 -8.87 -5.39
N GLY A 57 -0.67 -9.19 -6.21
CA GLY A 57 -1.98 -9.61 -5.74
C GLY A 57 -2.07 -11.01 -5.18
N GLN A 58 -1.06 -11.86 -5.40
CA GLN A 58 -1.12 -13.24 -4.91
C GLN A 58 0.14 -13.69 -4.18
N GLN A 59 -0.01 -14.70 -3.30
CA GLN A 59 1.10 -15.30 -2.58
C GLN A 59 1.80 -16.22 -3.57
N GLU A 60 3.11 -16.06 -3.72
CA GLU A 60 3.90 -16.85 -4.67
C GLU A 60 4.94 -17.65 -3.90
N SER A 61 5.15 -18.93 -4.26
CA SER A 61 6.11 -19.82 -3.59
C SER A 61 7.53 -19.26 -3.57
N SER A 62 7.89 -18.46 -4.60
CA SER A 62 9.23 -17.88 -4.71
C SER A 62 9.47 -16.67 -3.81
N GLN A 63 8.41 -16.06 -3.20
CA GLN A 63 8.63 -14.82 -2.49
C GLN A 63 9.33 -14.94 -1.14
N GLU A 64 10.07 -13.88 -0.76
CA GLU A 64 10.77 -13.78 0.52
C GLU A 64 10.55 -12.37 1.03
N GLN A 65 10.17 -12.22 2.30
CA GLN A 65 9.92 -10.94 2.91
C GLN A 65 10.96 -10.68 4.00
N SER A 66 11.36 -9.41 4.14
CA SER A 66 12.31 -9.00 5.17
C SER A 66 12.04 -7.60 5.62
N SER A 67 12.20 -7.38 6.91
CA SER A 67 12.12 -6.04 7.46
C SER A 67 13.51 -5.42 7.20
N VAL A 68 13.59 -4.12 7.38
CA VAL A 68 14.85 -3.39 7.16
C VAL A 68 15.46 -3.08 8.54
N VAL A 69 16.75 -3.40 8.75
CA VAL A 69 17.44 -3.13 10.03
C VAL A 69 18.22 -1.82 9.99
N ARG A 70 18.60 -1.34 8.80
CA ARG A 70 19.35 -0.12 8.64
C ARG A 70 18.99 0.56 7.32
N ALA A 71 18.76 1.85 7.35
CA ALA A 71 18.48 2.63 6.13
C ALA A 71 19.52 3.71 6.06
N VAL A 72 20.34 3.66 5.01
CA VAL A 72 21.45 4.58 4.82
C VAL A 72 21.19 5.53 3.63
N ILE A 73 20.82 6.78 3.92
CA ILE A 73 20.57 7.79 2.88
C ILE A 73 21.90 8.44 2.58
N HIS A 74 22.20 8.71 1.28
CA HIS A 74 23.44 9.39 0.87
C HIS A 74 23.60 10.72 1.67
N PRO A 75 24.79 11.04 2.23
CA PRO A 75 24.91 12.26 3.07
C PRO A 75 24.57 13.56 2.36
N ASP A 76 24.72 13.60 1.03
CA ASP A 76 24.46 14.78 0.21
C ASP A 76 23.10 14.78 -0.51
N TYR A 77 22.19 13.87 -0.11
CA TYR A 77 20.84 13.88 -0.66
C TYR A 77 20.14 15.23 -0.42
N ASP A 78 19.57 15.83 -1.49
CA ASP A 78 18.84 17.10 -1.37
C ASP A 78 17.43 16.87 -1.88
N ALA A 79 16.47 16.75 -0.97
CA ALA A 79 15.08 16.45 -1.31
C ALA A 79 14.47 17.38 -2.36
N ALA A 80 14.66 18.70 -2.23
CA ALA A 80 14.03 19.67 -3.15
C ALA A 80 14.43 19.51 -4.63
N SER A 81 15.69 19.20 -4.87
CA SER A 81 16.22 19.07 -6.22
C SER A 81 16.33 17.63 -6.70
N HIS A 82 16.09 16.62 -5.81
CA HIS A 82 16.29 15.17 -6.06
C HIS A 82 17.75 14.85 -6.30
N ASP A 83 18.70 15.77 -5.97
CA ASP A 83 20.10 15.45 -6.19
C ASP A 83 20.57 14.36 -5.21
N GLN A 84 21.33 13.38 -5.72
CA GLN A 84 21.93 12.28 -4.93
C GLN A 84 20.82 11.44 -4.25
N ASP A 85 19.79 11.06 -5.04
CA ASP A 85 18.59 10.36 -4.61
C ASP A 85 18.87 8.88 -4.55
N ILE A 86 19.56 8.48 -3.48
CA ILE A 86 20.00 7.10 -3.33
C ILE A 86 20.08 6.73 -1.84
N MET A 87 19.68 5.49 -1.57
CA MET A 87 19.63 4.95 -0.22
C MET A 87 19.87 3.42 -0.24
N LEU A 88 20.62 2.90 0.75
CA LEU A 88 20.91 1.49 0.92
C LEU A 88 20.09 0.96 2.09
N LEU A 89 19.46 -0.20 1.90
CA LEU A 89 18.68 -0.84 2.94
C LEU A 89 19.32 -2.16 3.30
N ARG A 90 19.63 -2.32 4.59
CA ARG A 90 20.18 -3.59 5.10
C ARG A 90 19.02 -4.46 5.55
N LEU A 91 18.93 -5.67 5.00
CA LEU A 91 17.86 -6.63 5.28
C LEU A 91 18.06 -7.35 6.63
N ALA A 92 16.95 -7.58 7.39
CA ALA A 92 17.00 -8.31 8.67
C ALA A 92 17.33 -9.76 8.42
N ARG A 93 16.73 -10.31 7.33
CA ARG A 93 16.87 -11.68 6.84
C ARG A 93 17.58 -11.64 5.46
N PRO A 94 18.87 -12.08 5.39
CA PRO A 94 19.58 -12.11 4.09
C PRO A 94 18.80 -12.91 3.04
N ALA A 95 18.80 -12.41 1.80
CA ALA A 95 18.10 -13.03 0.69
C ALA A 95 18.53 -14.46 0.42
N LYS A 96 17.57 -15.40 0.43
CA LYS A 96 17.85 -16.79 0.08
C LYS A 96 17.74 -16.84 -1.46
N LEU A 97 18.89 -16.91 -2.11
CA LEU A 97 18.95 -16.88 -3.57
C LEU A 97 18.29 -18.09 -4.23
N SER A 98 17.67 -17.86 -5.39
CA SER A 98 16.99 -18.90 -6.17
C SER A 98 17.02 -18.44 -7.62
N GLU A 99 16.33 -19.15 -8.52
CA GLU A 99 16.30 -18.70 -9.91
C GLU A 99 15.59 -17.33 -9.96
N LEU A 100 14.66 -17.11 -9.02
CA LEU A 100 13.84 -15.91 -8.98
C LEU A 100 14.34 -14.81 -8.01
N ILE A 101 15.46 -15.05 -7.27
CA ILE A 101 16.07 -14.09 -6.35
C ILE A 101 17.57 -14.09 -6.56
N GLN A 102 18.08 -13.06 -7.25
CA GLN A 102 19.51 -12.92 -7.55
C GLN A 102 19.91 -11.44 -7.53
N PRO A 103 21.13 -11.11 -7.11
CA PRO A 103 21.56 -9.70 -7.15
C PRO A 103 21.91 -9.28 -8.58
N LEU A 104 21.85 -7.97 -8.85
CA LEU A 104 22.24 -7.40 -10.13
C LEU A 104 23.57 -6.66 -9.94
N PRO A 105 24.62 -6.91 -10.78
CA PRO A 105 25.88 -6.14 -10.62
C PRO A 105 25.73 -4.69 -11.04
N LEU A 106 26.52 -3.79 -10.43
CA LEU A 106 26.47 -2.37 -10.75
C LEU A 106 27.29 -2.00 -11.96
N GLU A 107 26.87 -0.97 -12.70
CA GLU A 107 27.68 -0.41 -13.75
C GLU A 107 28.67 0.54 -13.02
N ARG A 108 29.97 0.32 -13.23
CA ARG A 108 31.02 1.13 -12.59
C ARG A 108 31.62 2.20 -13.49
N ASP A 109 31.49 1.99 -14.80
CA ASP A 109 32.05 2.92 -15.79
C ASP A 109 31.03 3.97 -16.22
N CYS A 110 31.23 5.24 -15.82
CA CYS A 110 30.32 6.34 -16.20
C CYS A 110 30.35 6.60 -17.71
N SER A 111 31.46 6.22 -18.38
CA SER A 111 31.59 6.34 -19.84
C SER A 111 31.32 4.99 -20.54
N ALA A 112 30.48 4.12 -19.92
CA ALA A 112 30.13 2.82 -20.53
C ALA A 112 29.47 3.05 -21.89
N GLN A 113 29.86 2.23 -22.88
CA GLN A 113 29.34 2.30 -24.25
C GLN A 113 27.86 1.88 -24.28
N THR A 114 27.11 2.38 -25.27
CA THR A 114 25.67 2.10 -25.44
C THR A 114 25.37 0.60 -25.50
N THR A 115 24.37 0.20 -24.69
CA THR A 115 23.84 -1.15 -24.57
C THR A 115 22.31 -1.03 -24.51
N SER A 116 21.58 -2.14 -24.76
CA SER A 116 20.11 -2.19 -24.68
C SER A 116 19.71 -1.91 -23.21
N CYS A 117 18.76 -0.96 -22.97
CA CYS A 117 18.30 -0.58 -21.61
C CYS A 117 16.86 -0.94 -21.41
N HIS A 118 16.47 -1.24 -20.15
CA HIS A 118 15.06 -1.48 -19.86
C HIS A 118 14.73 -1.00 -18.46
N ILE A 119 13.46 -0.75 -18.21
CA ILE A 119 13.03 -0.34 -16.87
C ILE A 119 11.91 -1.29 -16.52
N LEU A 120 11.61 -1.40 -15.22
CA LEU A 120 10.59 -2.29 -14.75
C LEU A 120 10.01 -1.83 -13.43
N GLY A 121 8.77 -2.23 -13.18
CA GLY A 121 8.16 -1.89 -11.90
C GLY A 121 6.68 -2.10 -11.83
N TRP A 122 6.14 -1.87 -10.64
CA TRP A 122 4.74 -1.99 -10.34
C TRP A 122 4.10 -0.61 -10.18
N GLY A 123 4.68 0.42 -10.80
CA GLY A 123 4.13 1.76 -10.70
C GLY A 123 2.93 1.99 -11.61
N LYS A 124 2.41 3.21 -11.58
CA LYS A 124 1.26 3.71 -12.34
C LYS A 124 1.39 3.41 -13.84
N THR A 125 0.36 2.74 -14.43
CA THR A 125 0.33 2.43 -15.86
C THR A 125 -0.38 3.57 -16.64
N ALA A 126 -0.58 3.39 -17.97
CA ALA A 126 -1.20 4.40 -18.86
C ALA A 126 -2.59 4.83 -18.43
N ASP A 127 -3.42 3.87 -17.96
CA ASP A 127 -4.79 4.10 -17.52
C ASP A 127 -4.91 4.81 -16.15
N GLY A 128 -3.77 5.02 -15.48
CA GLY A 128 -3.73 5.65 -14.16
C GLY A 128 -3.85 4.68 -13.00
N ASP A 129 -3.96 3.37 -13.29
CA ASP A 129 -4.07 2.32 -12.28
C ASP A 129 -2.70 1.71 -11.91
N PHE A 130 -2.64 1.02 -10.75
CA PHE A 130 -1.43 0.33 -10.26
C PHE A 130 -1.55 -1.15 -10.62
N PRO A 131 -0.60 -1.74 -11.40
CA PRO A 131 -0.77 -3.13 -11.82
C PRO A 131 -0.34 -4.16 -10.77
N ASP A 132 -1.04 -5.32 -10.78
CA ASP A 132 -0.67 -6.44 -9.91
C ASP A 132 0.57 -7.07 -10.52
N THR A 133 0.61 -7.21 -11.87
CA THR A 133 1.76 -7.82 -12.57
C THR A 133 2.81 -6.78 -12.93
N ILE A 134 4.09 -7.11 -12.65
CA ILE A 134 5.22 -6.24 -12.95
C ILE A 134 5.24 -5.91 -14.46
N GLN A 135 5.48 -4.64 -14.77
CA GLN A 135 5.55 -4.12 -16.14
C GLN A 135 7.01 -3.89 -16.54
N CYS A 136 7.29 -3.89 -17.85
CA CYS A 136 8.62 -3.73 -18.43
C CYS A 136 8.53 -2.87 -19.69
N ALA A 137 9.62 -2.18 -20.02
CA ALA A 137 9.71 -1.44 -21.29
C ALA A 137 11.16 -1.22 -21.65
N TYR A 138 11.45 -1.25 -22.97
CA TYR A 138 12.78 -0.96 -23.47
C TYR A 138 12.85 0.55 -23.67
N ILE A 139 13.91 1.18 -23.19
CA ILE A 139 14.12 2.64 -23.35
C ILE A 139 15.54 2.92 -23.72
N HIS A 140 15.86 4.17 -24.08
CA HIS A 140 17.22 4.53 -24.45
C HIS A 140 17.73 5.69 -23.61
N LEU A 141 19.04 5.71 -23.33
CA LEU A 141 19.68 6.83 -22.64
C LEU A 141 19.59 8.04 -23.58
N VAL A 142 19.32 9.22 -23.02
CA VAL A 142 19.18 10.50 -23.73
C VAL A 142 20.43 11.29 -23.44
N SER A 143 20.94 11.99 -24.47
CA SER A 143 22.14 12.81 -24.31
C SER A 143 21.94 13.86 -23.22
N ARG A 144 23.00 14.14 -22.46
CA ARG A 144 22.94 15.13 -21.39
C ARG A 144 22.46 16.52 -21.89
N GLU A 145 22.87 16.91 -23.12
CA GLU A 145 22.51 18.19 -23.75
C GLU A 145 21.00 18.29 -23.96
N GLU A 146 20.39 17.23 -24.48
CA GLU A 146 18.97 17.14 -24.70
C GLU A 146 18.24 17.15 -23.37
N CYS A 147 18.78 16.44 -22.37
CA CYS A 147 18.07 16.43 -21.09
C CYS A 147 18.11 17.78 -20.37
N GLU A 148 19.24 18.51 -20.46
CA GLU A 148 19.38 19.84 -19.85
C GLU A 148 18.43 20.85 -20.49
N HIS A 149 18.13 20.69 -21.79
CA HIS A 149 17.16 21.57 -22.47
C HIS A 149 15.75 21.26 -22.04
N ALA A 150 15.50 19.97 -21.70
CA ALA A 150 14.19 19.52 -21.24
C ALA A 150 13.91 20.05 -19.82
N TYR A 151 14.96 20.10 -18.97
CA TYR A 151 14.80 20.49 -17.56
C TYR A 151 15.87 21.56 -17.22
N PRO A 152 15.71 22.82 -17.73
CA PRO A 152 16.76 23.84 -17.50
C PRO A 152 17.14 24.04 -16.05
N GLY A 153 18.44 23.92 -15.79
CA GLY A 153 19.06 24.06 -14.48
C GLY A 153 18.64 23.04 -13.42
N GLN A 154 18.16 21.85 -13.83
CA GLN A 154 17.71 20.82 -12.87
C GLN A 154 18.52 19.53 -12.95
N ILE A 155 19.32 19.35 -14.03
CA ILE A 155 20.07 18.12 -14.25
C ILE A 155 21.50 18.24 -13.81
N THR A 156 21.89 17.47 -12.77
CA THR A 156 23.23 17.45 -12.23
C THR A 156 23.99 16.26 -12.80
N GLN A 157 25.30 16.17 -12.51
CA GLN A 157 26.15 15.05 -12.91
C GLN A 157 25.77 13.72 -12.18
N ASN A 158 24.94 13.79 -11.14
CA ASN A 158 24.46 12.61 -10.40
C ASN A 158 23.15 12.06 -10.97
N MET A 159 22.73 12.59 -12.14
CA MET A 159 21.52 12.17 -12.83
C MET A 159 21.80 11.73 -14.24
N LEU A 160 21.02 10.76 -14.73
N LEU A 160 21.01 10.76 -14.72
CA LEU A 160 21.08 10.22 -16.09
CA LEU A 160 21.00 10.24 -16.09
C LEU A 160 19.65 10.18 -16.65
C LEU A 160 19.61 10.44 -16.61
N CYS A 161 19.47 10.57 -17.93
CA CYS A 161 18.16 10.64 -18.53
C CYS A 161 17.94 9.54 -19.52
N ALA A 162 16.69 9.09 -19.58
CA ALA A 162 16.28 7.99 -20.47
C ALA A 162 14.83 8.05 -20.85
N GLY A 163 14.55 7.56 -22.05
CA GLY A 163 13.18 7.55 -22.52
C GLY A 163 13.02 6.86 -23.85
N ASP A 164 11.86 7.10 -24.45
CA ASP A 164 11.48 6.47 -25.70
C ASP A 164 10.73 7.46 -26.58
N GLU A 165 11.32 7.83 -27.72
CA GLU A 165 10.70 8.76 -28.69
C GLU A 165 9.39 8.26 -29.31
N LYS A 166 9.25 6.93 -29.54
CA LYS A 166 8.08 6.40 -30.24
C LYS A 166 6.77 6.44 -29.45
N TYR A 167 6.73 5.84 -28.24
CA TYR A 167 5.50 5.74 -27.46
C TYR A 167 5.58 6.52 -26.13
N GLY A 168 6.76 7.00 -25.79
CA GLY A 168 6.94 7.75 -24.55
C GLY A 168 6.94 6.81 -23.34
N LYS A 169 7.38 5.54 -23.54
CA LYS A 169 7.50 4.57 -22.44
C LYS A 169 8.27 5.25 -21.32
N ASP A 170 7.75 5.19 -20.09
CA ASP A 170 8.41 5.88 -19.00
C ASP A 170 8.15 5.25 -17.65
N SER A 171 9.01 5.52 -16.65
N SER A 171 9.00 5.58 -16.66
CA SER A 171 8.74 5.04 -15.29
CA SER A 171 8.83 5.16 -15.26
C SER A 171 7.78 6.05 -14.65
C SER A 171 7.79 6.11 -14.63
N CYS A 172 7.23 5.74 -13.48
CA CYS A 172 6.22 6.60 -12.84
C CYS A 172 6.20 6.41 -11.32
N GLN A 173 5.29 7.07 -10.62
CA GLN A 173 5.16 6.88 -9.17
C GLN A 173 4.87 5.40 -8.90
N GLY A 174 5.59 4.84 -7.92
CA GLY A 174 5.52 3.43 -7.54
C GLY A 174 6.70 2.66 -8.10
N ASP A 175 7.30 3.18 -9.19
CA ASP A 175 8.48 2.55 -9.80
C ASP A 175 9.74 3.10 -9.14
N SER A 176 9.60 4.22 -8.43
CA SER A 176 10.73 4.91 -7.83
C SER A 176 11.64 4.02 -7.07
N GLY A 177 12.93 4.18 -7.30
CA GLY A 177 13.91 3.35 -6.61
C GLY A 177 14.20 2.07 -7.36
N GLY A 178 13.35 1.74 -8.34
CA GLY A 178 13.53 0.57 -9.18
C GLY A 178 14.65 0.77 -10.19
N PRO A 179 15.04 -0.30 -10.90
CA PRO A 179 16.23 -0.24 -11.74
C PRO A 179 16.08 0.24 -13.18
N LEU A 180 17.16 0.85 -13.69
CA LEU A 180 17.35 1.16 -15.11
C LEU A 180 18.49 0.20 -15.41
N VAL A 181 18.20 -0.86 -16.20
CA VAL A 181 19.19 -1.91 -16.50
C VAL A 181 19.72 -1.71 -17.90
N CYS A 182 21.05 -1.61 -18.05
CA CYS A 182 21.69 -1.47 -19.36
C CYS A 182 22.80 -2.51 -19.43
N GLY A 183 22.71 -3.37 -20.43
CA GLY A 183 23.67 -4.45 -20.65
C GLY A 183 23.88 -5.32 -19.43
N ASP A 184 22.78 -5.81 -18.82
CA ASP A 184 22.74 -6.70 -17.65
C ASP A 184 23.44 -6.11 -16.39
N HIS A 185 23.54 -4.76 -16.32
CA HIS A 185 24.14 -4.07 -15.19
C HIS A 185 23.21 -2.97 -14.73
N LEU A 186 23.25 -2.65 -13.41
CA LEU A 186 22.43 -1.54 -12.88
C LEU A 186 23.04 -0.23 -13.33
N ARG A 187 22.30 0.54 -14.10
CA ARG A 187 22.80 1.83 -14.61
C ARG A 187 22.20 3.00 -13.86
N GLY A 188 20.93 2.87 -13.50
CA GLY A 188 20.28 3.96 -12.79
C GLY A 188 19.16 3.53 -11.87
N LEU A 189 18.63 4.48 -11.09
CA LEU A 189 17.45 4.20 -10.26
C LEU A 189 16.40 5.19 -10.64
N VAL A 190 15.12 4.77 -10.68
CA VAL A 190 13.98 5.68 -10.99
C VAL A 190 13.95 6.79 -9.92
N SER A 191 14.00 8.06 -10.34
CA SER A 191 14.02 9.16 -9.39
C SER A 191 12.85 10.12 -9.62
N TRP A 192 12.83 10.80 -10.78
CA TRP A 192 11.78 11.79 -11.07
C TRP A 192 11.63 12.01 -12.56
N GLY A 193 10.80 12.95 -12.96
CA GLY A 193 10.59 13.19 -14.39
C GLY A 193 9.28 13.87 -14.67
N ASN A 194 8.76 13.65 -15.88
CA ASN A 194 7.53 14.25 -16.37
C ASN A 194 6.29 13.79 -15.61
N ILE A 195 5.42 14.73 -15.26
CA ILE A 195 4.14 14.47 -14.62
C ILE A 195 3.08 15.22 -15.48
N PRO A 196 2.10 14.54 -16.13
CA PRO A 196 1.88 13.08 -16.17
C PRO A 196 3.04 12.34 -16.85
N CYS A 197 3.29 11.07 -16.48
CA CYS A 197 4.43 10.28 -16.99
C CYS A 197 4.34 10.03 -18.50
N GLY A 198 5.49 10.11 -19.17
CA GLY A 198 5.60 10.01 -20.62
C GLY A 198 6.88 10.70 -21.02
N SER A 199 7.75 9.98 -21.76
CA SER A 199 9.08 10.43 -22.07
C SER A 199 9.34 10.87 -23.50
N LYS A 200 8.31 11.14 -24.32
CA LYS A 200 8.54 11.55 -25.74
C LYS A 200 9.40 12.82 -25.88
N GLU A 201 9.24 13.78 -24.96
CA GLU A 201 9.95 15.07 -24.98
C GLU A 201 10.77 15.31 -23.74
N LYS A 202 10.17 15.02 -22.56
CA LYS A 202 10.86 15.21 -21.29
C LYS A 202 11.20 13.80 -20.83
N PRO A 203 12.47 13.41 -20.94
CA PRO A 203 12.83 12.04 -20.55
C PRO A 203 12.76 11.83 -19.05
N GLY A 204 12.69 10.56 -18.66
CA GLY A 204 12.75 10.18 -17.26
C GLY A 204 14.11 10.51 -16.68
N VAL A 205 14.13 10.91 -15.38
CA VAL A 205 15.39 11.23 -14.71
C VAL A 205 15.71 10.15 -13.71
N TYR A 206 16.93 9.64 -13.80
CA TYR A 206 17.44 8.53 -13.00
C TYR A 206 18.67 8.87 -12.20
N THR A 207 18.78 8.32 -10.97
CA THR A 207 20.02 8.48 -10.21
C THR A 207 21.11 7.75 -11.00
N ASN A 208 22.27 8.38 -11.17
CA ASN A 208 23.41 7.86 -11.95
C ASN A 208 24.28 7.01 -11.01
N VAL A 209 23.99 5.69 -10.97
CA VAL A 209 24.57 4.70 -10.06
C VAL A 209 26.10 4.60 -10.12
N CYS A 210 26.70 4.78 -11.33
CA CYS A 210 28.16 4.71 -11.52
C CYS A 210 28.91 5.74 -10.65
N ARG A 211 28.25 6.80 -10.24
CA ARG A 211 28.85 7.86 -9.40
C ARG A 211 28.98 7.44 -7.94
N TYR A 212 28.27 6.36 -7.53
CA TYR A 212 28.14 5.96 -6.14
C TYR A 212 28.89 4.70 -5.77
N THR A 213 29.71 4.17 -6.69
CA THR A 213 30.49 2.95 -6.47
C THR A 213 31.23 2.91 -5.12
N ASN A 214 32.01 3.99 -4.81
CA ASN A 214 32.81 4.05 -3.59
C ASN A 214 31.96 4.12 -2.34
N TRP A 215 30.92 4.96 -2.36
CA TRP A 215 30.01 5.12 -1.24
C TRP A 215 29.26 3.81 -0.97
N ILE A 216 28.84 3.09 -2.03
CA ILE A 216 28.11 1.83 -1.83
C ILE A 216 29.01 0.79 -1.15
N GLN A 217 30.24 0.63 -1.68
CA GLN A 217 31.22 -0.31 -1.17
C GLN A 217 31.59 0.01 0.29
N LYS A 218 31.80 1.30 0.61
CA LYS A 218 32.17 1.73 1.95
C LYS A 218 31.03 1.47 2.94
N THR A 219 29.77 1.67 2.50
CA THR A 219 28.62 1.41 3.38
C THR A 219 28.47 -0.09 3.65
N ILE A 220 28.54 -0.91 2.59
CA ILE A 220 28.40 -2.37 2.68
C ILE A 220 29.52 -3.01 3.53
N GLN A 221 30.76 -2.49 3.43
CA GLN A 221 31.92 -3.00 4.18
C GLN A 221 32.13 -2.34 5.57
N ALA A 222 31.27 -1.36 5.96
CA ALA A 222 31.36 -0.67 7.27
C ALA A 222 31.15 -1.64 8.44
N LYS A 223 31.90 -1.45 9.55
CA LYS A 223 31.89 -2.27 10.78
C LYS A 223 32.28 -3.73 10.51
N LEU B 1 -11.00 -11.09 5.26
CA LEU B 1 -10.69 -11.52 6.61
C LEU B 1 -10.07 -12.89 6.56
N VAL B 2 -8.88 -13.05 7.19
CA VAL B 2 -8.16 -14.33 7.16
C VAL B 2 -8.38 -15.16 8.43
N HIS B 3 -8.45 -16.49 8.23
CA HIS B 3 -8.56 -17.55 9.25
C HIS B 3 -9.86 -17.50 10.05
N GLY B 4 -10.90 -16.91 9.47
CA GLY B 4 -12.21 -16.84 10.09
C GLY B 4 -13.15 -17.86 9.47
N GLY B 5 -14.42 -17.55 9.47
CA GLY B 5 -15.42 -18.42 8.88
C GLY B 5 -16.68 -17.67 8.58
N PRO B 6 -17.66 -18.29 7.88
CA PRO B 6 -18.91 -17.58 7.58
C PRO B 6 -19.65 -17.13 8.84
N CYS B 7 -20.18 -15.89 8.82
CA CYS B 7 -20.95 -15.30 9.93
C CYS B 7 -22.31 -15.99 10.01
N ASP B 8 -22.94 -15.95 11.21
CA ASP B 8 -24.34 -16.35 11.38
C ASP B 8 -25.11 -15.22 10.65
N LYS B 9 -26.11 -15.58 9.79
CA LYS B 9 -26.89 -14.64 8.98
C LYS B 9 -27.54 -13.49 9.74
N THR B 10 -27.87 -13.68 11.01
CA THR B 10 -28.54 -12.65 11.80
C THR B 10 -27.61 -11.81 12.70
N SER B 11 -26.31 -12.15 12.75
CA SER B 11 -25.39 -11.47 13.65
C SER B 11 -24.74 -10.15 13.12
N HIS B 12 -25.00 -9.75 11.88
CA HIS B 12 -24.36 -8.55 11.34
C HIS B 12 -25.31 -7.51 10.70
N PRO B 13 -26.45 -7.10 11.33
CA PRO B 13 -27.36 -6.19 10.62
C PRO B 13 -26.84 -4.76 10.38
N TYR B 14 -25.72 -4.36 11.02
CA TYR B 14 -25.10 -3.03 10.87
C TYR B 14 -24.04 -3.01 9.73
N GLN B 15 -23.67 -4.16 9.21
CA GLN B 15 -22.65 -4.26 8.17
C GLN B 15 -23.12 -3.68 6.81
N ALA B 16 -22.26 -2.86 6.20
CA ALA B 16 -22.47 -2.28 4.88
C ALA B 16 -21.37 -2.78 3.94
N ALA B 17 -21.72 -2.98 2.66
CA ALA B 17 -20.74 -3.32 1.62
C ALA B 17 -20.70 -2.09 0.73
N LEU B 18 -19.49 -1.63 0.43
CA LEU B 18 -19.29 -0.43 -0.37
C LEU B 18 -18.74 -0.82 -1.73
N TYR B 19 -19.43 -0.40 -2.79
CA TYR B 19 -19.03 -0.67 -4.18
C TYR B 19 -18.67 0.59 -4.95
N THR B 20 -17.79 0.43 -5.95
CA THR B 20 -17.37 1.49 -6.88
C THR B 20 -17.24 0.83 -8.26
N SER B 21 -17.99 1.35 -9.25
CA SER B 21 -18.02 0.82 -10.63
C SER B 21 -18.25 -0.71 -10.69
N GLY B 22 -19.13 -1.21 -9.83
CA GLY B 22 -19.46 -2.62 -9.74
C GLY B 22 -18.44 -3.52 -9.05
N HIS B 23 -17.35 -2.96 -8.46
CA HIS B 23 -16.36 -3.77 -7.73
C HIS B 23 -16.43 -3.49 -6.22
N LEU B 24 -16.36 -4.55 -5.39
CA LEU B 24 -16.35 -4.42 -3.93
C LEU B 24 -15.11 -3.62 -3.53
N LEU B 25 -15.29 -2.56 -2.76
CA LEU B 25 -14.17 -1.73 -2.36
C LEU B 25 -13.84 -1.83 -0.88
N CYS B 26 -14.86 -1.67 -0.03
CA CYS B 26 -14.68 -1.57 1.41
C CYS B 26 -15.89 -2.07 2.16
N GLY B 27 -15.74 -2.22 3.47
CA GLY B 27 -16.84 -2.46 4.39
C GLY B 27 -17.23 -1.11 4.99
N GLY B 28 -18.26 -1.13 5.83
CA GLY B 28 -18.76 0.06 6.50
C GLY B 28 -19.75 -0.33 7.56
N VAL B 29 -20.12 0.61 8.41
CA VAL B 29 -21.03 0.34 9.53
C VAL B 29 -22.18 1.32 9.50
N LEU B 30 -23.39 0.79 9.57
CA LEU B 30 -24.58 1.67 9.67
C LEU B 30 -24.65 2.14 11.15
N ILE B 31 -24.65 3.45 11.36
CA ILE B 31 -24.67 4.02 12.72
C ILE B 31 -25.91 4.88 12.98
N HIS B 32 -26.61 5.24 11.90
CA HIS B 32 -27.82 6.07 11.90
C HIS B 32 -28.58 5.74 10.60
N PRO B 33 -29.94 5.82 10.55
CA PRO B 33 -30.65 5.53 9.29
C PRO B 33 -30.14 6.26 8.03
N LEU B 34 -29.55 7.46 8.17
CA LEU B 34 -29.02 8.20 7.03
C LEU B 34 -27.50 8.16 6.92
N TRP B 35 -26.79 7.48 7.84
CA TRP B 35 -25.33 7.53 7.84
C TRP B 35 -24.61 6.21 8.02
N VAL B 36 -23.55 6.05 7.21
CA VAL B 36 -22.64 4.92 7.24
C VAL B 36 -21.27 5.47 7.59
N LEU B 37 -20.57 4.79 8.53
CA LEU B 37 -19.22 5.12 8.93
C LEU B 37 -18.28 4.16 8.20
N THR B 38 -17.19 4.66 7.64
CA THR B 38 -16.18 3.84 6.95
C THR B 38 -14.82 4.50 7.12
N ALA B 39 -13.79 3.93 6.52
CA ALA B 39 -12.43 4.48 6.54
C ALA B 39 -12.31 5.57 5.48
N ALA B 40 -11.61 6.67 5.79
CA ALA B 40 -11.39 7.76 4.82
C ALA B 40 -10.63 7.29 3.58
N HIS B 41 -9.76 6.28 3.74
CA HIS B 41 -9.02 5.77 2.57
C HIS B 41 -9.95 5.00 1.56
N CYS B 42 -11.25 4.81 1.92
CA CYS B 42 -12.25 4.19 1.04
C CYS B 42 -12.95 5.24 0.14
N LYS B 43 -12.52 6.52 0.20
CA LYS B 43 -13.17 7.56 -0.62
C LYS B 43 -12.93 7.31 -2.09
N LYS B 44 -14.01 7.37 -2.87
CA LYS B 44 -14.06 7.18 -4.32
C LYS B 44 -15.30 7.92 -4.80
N PRO B 45 -15.34 8.41 -6.05
CA PRO B 45 -16.58 9.02 -6.53
C PRO B 45 -17.58 7.92 -6.88
N ASN B 46 -18.89 8.22 -6.78
CA ASN B 46 -19.99 7.32 -7.12
C ASN B 46 -20.03 6.03 -6.25
N LEU B 47 -19.84 6.16 -4.92
CA LEU B 47 -19.93 5.04 -3.99
C LEU B 47 -21.37 4.50 -3.90
N GLN B 48 -21.54 3.18 -3.99
CA GLN B 48 -22.83 2.50 -3.85
C GLN B 48 -22.81 1.71 -2.55
N VAL B 49 -23.76 1.95 -1.67
CA VAL B 49 -23.81 1.28 -0.38
C VAL B 49 -24.86 0.18 -0.43
N PHE B 50 -24.50 -1.03 0.03
CA PHE B 50 -25.40 -2.15 0.14
C PHE B 50 -25.57 -2.52 1.58
N LEU B 51 -26.82 -2.45 2.07
CA LEU B 51 -27.18 -2.81 3.45
C LEU B 51 -28.01 -4.10 3.41
N GLY B 52 -28.06 -4.82 4.53
CA GLY B 52 -28.79 -6.08 4.66
C GLY B 52 -28.28 -7.24 3.81
N LYS B 53 -27.00 -7.22 3.42
CA LYS B 53 -26.37 -8.29 2.62
C LYS B 53 -25.65 -9.30 3.49
N HIS B 54 -25.58 -10.54 2.99
CA HIS B 54 -24.86 -11.62 3.64
C HIS B 54 -23.98 -12.30 2.59
N ASN B 55 -24.61 -12.73 1.50
CA ASN B 55 -23.97 -13.40 0.38
C ASN B 55 -23.98 -12.44 -0.83
N LEU B 56 -22.78 -12.00 -1.29
CA LEU B 56 -22.67 -11.05 -2.41
C LEU B 56 -23.05 -11.66 -3.78
N GLY B 57 -23.06 -12.99 -3.84
CA GLY B 57 -23.38 -13.74 -5.05
C GLY B 57 -24.86 -14.00 -5.29
N GLN B 58 -25.74 -13.33 -4.57
CA GLN B 58 -27.19 -13.50 -4.75
C GLN B 58 -27.92 -12.29 -4.27
N GLN B 59 -29.12 -12.06 -4.81
CA GLN B 59 -29.96 -10.95 -4.42
C GLN B 59 -30.82 -11.41 -3.26
N GLU B 60 -30.72 -10.71 -2.15
CA GLU B 60 -31.39 -11.08 -0.90
C GLU B 60 -32.62 -10.24 -0.64
N SER B 61 -33.66 -10.83 -0.05
CA SER B 61 -34.92 -10.08 0.20
C SER B 61 -34.76 -8.93 1.20
N SER B 62 -33.81 -9.02 2.10
CA SER B 62 -33.53 -8.00 3.11
C SER B 62 -32.66 -6.84 2.60
N GLN B 63 -32.12 -6.93 1.36
CA GLN B 63 -31.14 -5.92 0.97
C GLN B 63 -31.69 -4.60 0.49
N GLU B 64 -30.87 -3.56 0.64
CA GLU B 64 -31.13 -2.19 0.22
C GLU B 64 -29.88 -1.57 -0.32
N GLN B 65 -30.02 -0.79 -1.38
CA GLN B 65 -28.91 -0.12 -2.04
C GLN B 65 -29.19 1.39 -2.07
N SER B 66 -28.14 2.18 -1.86
CA SER B 66 -28.26 3.62 -1.93
C SER B 66 -26.97 4.23 -2.40
N SER B 67 -27.07 5.34 -3.13
CA SER B 67 -25.91 6.10 -3.54
C SER B 67 -25.55 7.02 -2.34
N VAL B 68 -24.39 7.63 -2.36
CA VAL B 68 -23.95 8.52 -1.29
C VAL B 68 -24.13 9.96 -1.83
N VAL B 69 -24.89 10.81 -1.13
CA VAL B 69 -25.08 12.22 -1.55
C VAL B 69 -23.97 13.13 -1.02
N ARG B 70 -23.39 12.77 0.13
CA ARG B 70 -22.32 13.55 0.77
C ARG B 70 -21.35 12.63 1.50
N ALA B 71 -20.07 12.80 1.19
CA ALA B 71 -18.97 12.08 1.80
C ALA B 71 -18.26 13.10 2.69
N VAL B 72 -18.17 12.81 3.98
CA VAL B 72 -17.54 13.72 4.92
C VAL B 72 -16.27 13.05 5.46
N ILE B 73 -15.13 13.32 4.84
CA ILE B 73 -13.83 12.78 5.27
C ILE B 73 -13.41 13.63 6.51
N HIS B 74 -12.86 12.97 7.56
CA HIS B 74 -12.40 13.72 8.74
C HIS B 74 -11.47 14.87 8.29
N PRO B 75 -11.73 16.14 8.72
CA PRO B 75 -10.88 17.26 8.29
C PRO B 75 -9.40 17.05 8.54
N ASP B 76 -9.03 16.30 9.59
CA ASP B 76 -7.64 16.05 9.96
C ASP B 76 -7.07 14.70 9.47
N TYR B 77 -7.71 14.06 8.49
CA TYR B 77 -7.23 12.81 7.90
C TYR B 77 -5.90 13.03 7.16
N ASP B 78 -4.89 12.22 7.47
CA ASP B 78 -3.57 12.24 6.83
C ASP B 78 -3.40 10.91 6.15
N ALA B 79 -3.54 10.88 4.83
CA ALA B 79 -3.48 9.63 4.06
C ALA B 79 -2.13 8.91 4.19
N ALA B 80 -1.03 9.67 4.26
CA ALA B 80 0.35 9.16 4.39
C ALA B 80 0.58 8.32 5.65
N SER B 81 -0.04 8.69 6.78
CA SER B 81 0.14 7.97 8.05
C SER B 81 -1.11 7.17 8.48
N HIS B 82 -2.23 7.32 7.74
CA HIS B 82 -3.54 6.72 8.05
C HIS B 82 -4.11 7.33 9.34
N ASP B 83 -3.55 8.45 9.82
CA ASP B 83 -4.08 9.07 11.04
C ASP B 83 -5.46 9.68 10.76
N GLN B 84 -6.43 9.47 11.67
CA GLN B 84 -7.81 9.98 11.55
C GLN B 84 -8.51 9.40 10.33
N ASP B 85 -8.37 8.06 10.17
CA ASP B 85 -8.88 7.34 8.99
C ASP B 85 -10.35 7.04 9.17
N ILE B 86 -11.17 8.07 9.01
CA ILE B 86 -12.60 7.96 9.25
C ILE B 86 -13.38 8.92 8.34
N MET B 87 -14.50 8.43 7.84
CA MET B 87 -15.37 9.12 6.91
C MET B 87 -16.82 8.74 7.20
N LEU B 88 -17.69 9.74 7.12
CA LEU B 88 -19.13 9.62 7.29
C LEU B 88 -19.77 9.72 5.90
N LEU B 89 -20.62 8.76 5.56
CA LEU B 89 -21.29 8.74 4.27
C LEU B 89 -22.77 9.01 4.48
N ARG B 90 -23.24 10.09 3.90
CA ARG B 90 -24.64 10.52 3.97
C ARG B 90 -25.36 9.80 2.84
N LEU B 91 -26.27 8.90 3.19
CA LEU B 91 -27.03 8.12 2.22
C LEU B 91 -28.05 9.01 1.48
N ALA B 92 -28.22 8.77 0.16
CA ALA B 92 -29.18 9.48 -0.70
C ALA B 92 -30.58 9.23 -0.20
N ARG B 93 -30.82 7.98 0.24
CA ARG B 93 -32.08 7.47 0.79
C ARG B 93 -31.86 6.92 2.21
N PRO B 94 -32.80 7.12 3.17
CA PRO B 94 -32.62 6.51 4.50
C PRO B 94 -32.80 4.99 4.51
N ALA B 95 -32.05 4.31 5.37
CA ALA B 95 -32.10 2.87 5.57
C ALA B 95 -33.44 2.48 6.20
N LYS B 96 -34.12 1.48 5.62
CA LYS B 96 -35.38 1.01 6.19
C LYS B 96 -34.98 -0.04 7.19
N LEU B 97 -35.10 0.30 8.48
CA LEU B 97 -34.68 -0.60 9.54
C LEU B 97 -35.52 -1.87 9.57
N SER B 98 -34.87 -3.00 9.90
CA SER B 98 -35.50 -4.31 9.94
C SER B 98 -34.70 -5.20 10.85
N GLU B 99 -35.02 -6.48 10.90
CA GLU B 99 -34.29 -7.47 11.67
C GLU B 99 -32.84 -7.58 11.09
N LEU B 100 -32.68 -7.41 9.76
CA LEU B 100 -31.38 -7.57 9.11
C LEU B 100 -30.67 -6.26 8.73
N ILE B 101 -31.26 -5.09 9.09
CA ILE B 101 -30.70 -3.74 8.88
C ILE B 101 -30.91 -2.96 10.17
N GLN B 102 -29.84 -2.76 10.94
CA GLN B 102 -29.94 -2.03 12.21
C GLN B 102 -28.65 -1.25 12.47
N PRO B 103 -28.71 -0.01 13.01
CA PRO B 103 -27.46 0.68 13.35
C PRO B 103 -26.76 0.06 14.56
N LEU B 104 -25.43 0.21 14.62
CA LEU B 104 -24.65 -0.29 15.75
C LEU B 104 -24.32 0.92 16.67
N PRO B 105 -24.60 0.88 17.98
CA PRO B 105 -24.23 2.02 18.84
C PRO B 105 -22.71 2.17 18.97
N LEU B 106 -22.23 3.40 19.02
CA LEU B 106 -20.82 3.72 19.16
C LEU B 106 -20.32 3.54 20.61
N GLU B 107 -19.09 3.03 20.76
CA GLU B 107 -18.45 3.00 22.08
C GLU B 107 -18.08 4.47 22.38
N ARG B 108 -18.58 5.00 23.49
CA ARG B 108 -18.34 6.38 23.88
C ARG B 108 -17.18 6.49 24.86
N ASP B 109 -16.89 5.38 25.59
CA ASP B 109 -15.84 5.33 26.61
C ASP B 109 -14.54 4.75 26.09
N CYS B 110 -13.50 5.59 25.97
CA CYS B 110 -12.16 5.14 25.54
C CYS B 110 -11.54 4.16 26.54
N SER B 111 -11.96 4.27 27.81
CA SER B 111 -11.50 3.44 28.93
C SER B 111 -12.32 2.15 29.11
N ALA B 112 -13.26 1.82 28.17
CA ALA B 112 -14.09 0.60 28.21
C ALA B 112 -13.20 -0.63 28.40
N GLN B 113 -13.62 -1.54 29.29
CA GLN B 113 -12.83 -2.70 29.71
C GLN B 113 -12.95 -3.96 28.83
N THR B 114 -14.00 -4.07 27.99
CA THR B 114 -14.18 -5.24 27.12
C THR B 114 -13.06 -5.33 26.05
N THR B 115 -12.24 -6.40 26.15
CA THR B 115 -11.12 -6.67 25.24
C THR B 115 -11.43 -7.80 24.22
N SER B 116 -12.51 -8.58 24.46
CA SER B 116 -12.95 -9.65 23.57
C SER B 116 -13.83 -9.00 22.50
N CYS B 117 -13.44 -9.14 21.24
CA CYS B 117 -14.13 -8.46 20.16
C CYS B 117 -14.36 -9.40 18.99
N HIS B 118 -14.93 -8.83 17.92
CA HIS B 118 -15.06 -9.57 16.66
C HIS B 118 -14.96 -8.62 15.49
N ILE B 119 -14.47 -9.15 14.38
CA ILE B 119 -14.36 -8.41 13.12
C ILE B 119 -15.17 -9.21 12.08
N LEU B 120 -15.55 -8.52 11.02
CA LEU B 120 -16.35 -9.12 9.95
C LEU B 120 -16.12 -8.39 8.62
N GLY B 121 -16.28 -9.13 7.53
CA GLY B 121 -16.12 -8.54 6.21
C GLY B 121 -16.07 -9.51 5.07
N TRP B 122 -16.07 -8.95 3.86
CA TRP B 122 -16.00 -9.68 2.60
C TRP B 122 -14.60 -9.49 1.98
N GLY B 123 -13.62 -9.19 2.82
CA GLY B 123 -12.26 -9.01 2.34
C GLY B 123 -11.57 -10.31 1.99
N LYS B 124 -10.32 -10.22 1.50
CA LYS B 124 -9.54 -11.40 1.12
C LYS B 124 -9.43 -12.44 2.24
N THR B 125 -9.60 -13.73 1.90
CA THR B 125 -9.45 -14.85 2.83
C THR B 125 -8.02 -15.44 2.76
N ALA B 126 -7.73 -16.48 3.57
CA ALA B 126 -6.38 -17.10 3.65
C ALA B 126 -5.84 -17.57 2.28
N ASP B 127 -6.73 -18.02 1.37
CA ASP B 127 -6.38 -18.48 0.02
C ASP B 127 -6.15 -17.34 -0.99
N GLY B 128 -6.36 -16.09 -0.58
CA GLY B 128 -6.19 -14.92 -1.45
C GLY B 128 -7.42 -14.56 -2.29
N ASP B 129 -8.53 -15.29 -2.09
CA ASP B 129 -9.77 -15.06 -2.84
C ASP B 129 -10.73 -14.13 -2.08
N PHE B 130 -11.67 -13.51 -2.81
CA PHE B 130 -12.68 -12.62 -2.20
C PHE B 130 -13.95 -13.46 -2.02
N PRO B 131 -14.42 -13.69 -0.78
CA PRO B 131 -15.56 -14.60 -0.59
C PRO B 131 -16.92 -13.96 -0.86
N ASP B 132 -17.88 -14.77 -1.34
CA ASP B 132 -19.24 -14.28 -1.52
C ASP B 132 -19.91 -14.10 -0.17
N THR B 133 -19.68 -15.04 0.77
CA THR B 133 -20.31 -15.01 2.09
C THR B 133 -19.43 -14.26 3.09
N ILE B 134 -20.04 -13.33 3.83
CA ILE B 134 -19.37 -12.54 4.87
C ILE B 134 -18.69 -13.44 5.91
N GLN B 135 -17.43 -13.07 6.27
CA GLN B 135 -16.58 -13.81 7.21
C GLN B 135 -16.55 -13.07 8.54
N CYS B 136 -16.40 -13.82 9.63
CA CYS B 136 -16.41 -13.41 11.03
C CYS B 136 -15.22 -14.06 11.72
N ALA B 137 -14.70 -13.40 12.77
CA ALA B 137 -13.64 -13.96 13.61
C ALA B 137 -13.57 -13.22 14.91
N TYR B 138 -13.32 -13.95 15.98
CA TYR B 138 -13.13 -13.40 17.31
C TYR B 138 -11.66 -13.02 17.48
N ILE B 139 -11.42 -11.77 17.91
CA ILE B 139 -10.06 -11.28 18.14
C ILE B 139 -10.02 -10.53 19.48
N HIS B 140 -8.83 -10.15 19.92
CA HIS B 140 -8.67 -9.46 21.20
C HIS B 140 -7.90 -8.17 21.04
N LEU B 141 -8.34 -7.14 21.76
CA LEU B 141 -7.68 -5.84 21.82
C LEU B 141 -6.27 -6.02 22.42
N VAL B 142 -5.27 -5.40 21.79
CA VAL B 142 -3.87 -5.48 22.23
C VAL B 142 -3.55 -4.12 22.93
N SER B 143 -2.69 -4.09 23.97
CA SER B 143 -2.33 -2.82 24.64
C SER B 143 -1.67 -1.83 23.68
N ARG B 144 -1.80 -0.54 23.97
CA ARG B 144 -1.14 0.45 23.12
C ARG B 144 0.39 0.26 23.16
N GLU B 145 0.96 -0.23 24.30
CA GLU B 145 2.39 -0.49 24.39
C GLU B 145 2.82 -1.56 23.35
N GLU B 146 2.05 -2.66 23.25
CA GLU B 146 2.29 -3.73 22.26
C GLU B 146 2.03 -3.26 20.79
N CYS B 147 0.98 -2.45 20.58
CA CYS B 147 0.59 -1.81 19.30
C CYS B 147 1.79 -0.92 18.82
N GLU B 148 2.31 -0.02 19.70
CA GLU B 148 3.46 0.86 19.40
C GLU B 148 4.76 0.08 19.16
N HIS B 149 4.92 -1.07 19.83
CA HIS B 149 6.11 -1.88 19.65
C HIS B 149 6.13 -2.60 18.29
N ALA B 150 4.95 -3.04 17.81
CA ALA B 150 4.78 -3.71 16.52
C ALA B 150 5.04 -2.73 15.33
N TYR B 151 4.67 -1.46 15.49
CA TYR B 151 4.82 -0.46 14.46
C TYR B 151 5.49 0.79 15.07
N PRO B 152 6.81 0.77 15.31
CA PRO B 152 7.47 1.94 15.95
C PRO B 152 7.23 3.25 15.20
N GLY B 153 6.81 4.27 15.94
CA GLY B 153 6.54 5.61 15.43
C GLY B 153 5.30 5.78 14.56
N GLN B 154 4.45 4.74 14.43
CA GLN B 154 3.29 4.86 13.55
C GLN B 154 1.94 4.91 14.26
N ILE B 155 1.88 4.48 15.52
CA ILE B 155 0.61 4.40 16.23
C ILE B 155 0.29 5.69 16.99
N THR B 156 -0.82 6.35 16.61
CA THR B 156 -1.31 7.57 17.24
C THR B 156 -2.45 7.22 18.19
N GLN B 157 -2.88 8.20 19.01
CA GLN B 157 -3.99 8.04 19.93
C GLN B 157 -5.31 7.79 19.18
N ASN B 158 -5.33 8.06 17.86
CA ASN B 158 -6.52 7.88 17.03
C ASN B 158 -6.60 6.46 16.42
N MET B 159 -5.76 5.56 16.93
CA MET B 159 -5.61 4.16 16.49
C MET B 159 -5.65 3.21 17.66
N LEU B 160 -6.12 1.97 17.42
N LEU B 160 -6.15 1.99 17.41
CA LEU B 160 -6.26 0.91 18.41
CA LEU B 160 -6.23 0.87 18.35
C LEU B 160 -5.92 -0.42 17.70
C LEU B 160 -5.65 -0.33 17.64
N CYS B 161 -5.23 -1.34 18.40
CA CYS B 161 -4.73 -2.59 17.82
C CYS B 161 -5.46 -3.79 18.29
N ALA B 162 -5.68 -4.75 17.40
CA ALA B 162 -6.38 -5.98 17.78
C ALA B 162 -5.89 -7.09 16.92
N GLY B 163 -5.84 -8.27 17.50
CA GLY B 163 -5.37 -9.47 16.82
C GLY B 163 -5.64 -10.76 17.58
N ASP B 164 -5.02 -11.84 17.10
CA ASP B 164 -5.16 -13.19 17.64
C ASP B 164 -3.82 -13.94 17.49
N GLU B 165 -3.05 -14.06 18.59
CA GLU B 165 -1.74 -14.72 18.57
C GLU B 165 -1.80 -16.23 18.19
N LYS B 166 -2.93 -16.90 18.46
CA LYS B 166 -3.08 -18.33 18.24
C LYS B 166 -3.23 -18.72 16.74
N TYR B 167 -4.26 -18.19 16.04
CA TYR B 167 -4.54 -18.52 14.64
C TYR B 167 -4.21 -17.40 13.64
N GLY B 168 -3.84 -16.21 14.14
CA GLY B 168 -3.53 -15.07 13.28
C GLY B 168 -4.75 -14.43 12.64
N LYS B 169 -5.97 -14.65 13.20
CA LYS B 169 -7.22 -14.04 12.71
C LYS B 169 -7.02 -12.54 12.53
N ASP B 170 -7.34 -12.03 11.32
CA ASP B 170 -7.06 -10.64 10.99
C ASP B 170 -7.92 -10.15 9.86
N SER B 171 -8.10 -8.84 9.79
N SER B 171 -8.09 -8.83 9.79
CA SER B 171 -8.83 -8.20 8.70
CA SER B 171 -8.80 -8.18 8.70
C SER B 171 -7.83 -8.06 7.53
C SER B 171 -7.82 -8.06 7.52
N CYS B 172 -8.33 -7.77 6.32
CA CYS B 172 -7.49 -7.70 5.11
C CYS B 172 -8.09 -6.72 4.10
N GLN B 173 -7.49 -6.60 2.89
CA GLN B 173 -8.02 -5.72 1.83
C GLN B 173 -9.48 -6.10 1.50
N GLY B 174 -10.34 -5.09 1.44
CA GLY B 174 -11.76 -5.30 1.18
C GLY B 174 -12.58 -5.28 2.46
N ASP B 175 -11.90 -5.45 3.63
CA ASP B 175 -12.54 -5.37 4.97
C ASP B 175 -12.47 -3.95 5.52
N SER B 176 -11.58 -3.09 4.93
CA SER B 176 -11.37 -1.71 5.38
C SER B 176 -12.64 -0.92 5.54
N GLY B 177 -12.71 -0.16 6.63
CA GLY B 177 -13.91 0.63 6.91
C GLY B 177 -14.94 -0.18 7.66
N GLY B 178 -14.74 -1.49 7.73
CA GLY B 178 -15.58 -2.45 8.45
C GLY B 178 -15.43 -2.32 9.96
N PRO B 179 -16.36 -2.94 10.73
CA PRO B 179 -16.35 -2.77 12.19
C PRO B 179 -15.51 -3.74 13.03
N LEU B 180 -14.96 -3.21 14.12
CA LEU B 180 -14.32 -3.96 15.19
C LEU B 180 -15.38 -3.78 16.28
N VAL B 181 -16.06 -4.87 16.65
CA VAL B 181 -17.18 -4.80 17.60
C VAL B 181 -16.79 -5.37 18.94
N CYS B 182 -16.92 -4.59 20.02
CA CYS B 182 -16.60 -5.08 21.38
C CYS B 182 -17.78 -4.76 22.28
N GLY B 183 -18.32 -5.78 22.95
CA GLY B 183 -19.46 -5.65 23.84
C GLY B 183 -20.68 -5.04 23.17
N ASP B 184 -20.94 -5.45 21.90
CA ASP B 184 -22.08 -4.99 21.10
C ASP B 184 -22.04 -3.47 20.77
N HIS B 185 -20.83 -2.87 20.79
CA HIS B 185 -20.63 -1.45 20.46
C HIS B 185 -19.53 -1.33 19.44
N LEU B 186 -19.60 -0.31 18.58
CA LEU B 186 -18.53 -0.06 17.60
C LEU B 186 -17.31 0.49 18.31
N ARG B 187 -16.23 -0.32 18.37
CA ARG B 187 -14.95 0.06 18.99
C ARG B 187 -13.94 0.59 17.95
N GLY B 188 -13.91 -0.02 16.78
CA GLY B 188 -12.97 0.41 15.75
C GLY B 188 -13.42 0.20 14.33
N LEU B 189 -12.62 0.73 13.39
CA LEU B 189 -12.84 0.56 11.96
C LEU B 189 -11.56 -0.01 11.37
N VAL B 190 -11.67 -1.07 10.53
CA VAL B 190 -10.48 -1.69 9.89
C VAL B 190 -9.77 -0.57 9.12
N SER B 191 -8.47 -0.36 9.38
CA SER B 191 -7.74 0.71 8.74
C SER B 191 -6.50 0.21 7.98
N TRP B 192 -5.54 -0.40 8.68
CA TRP B 192 -4.30 -0.90 8.07
C TRP B 192 -3.67 -1.98 8.95
N GLY B 193 -2.57 -2.54 8.52
CA GLY B 193 -1.96 -3.59 9.31
C GLY B 193 -0.90 -4.30 8.52
N ASN B 194 -0.57 -5.51 8.97
CA ASN B 194 0.47 -6.33 8.36
C ASN B 194 0.06 -6.91 7.00
N ILE B 195 1.06 -7.07 6.11
CA ILE B 195 0.96 -7.69 4.78
C ILE B 195 2.11 -8.73 4.73
N PRO B 196 1.79 -10.01 4.41
CA PRO B 196 0.45 -10.57 4.13
C PRO B 196 -0.42 -10.49 5.41
N CYS B 197 -1.73 -10.44 5.23
CA CYS B 197 -2.67 -10.39 6.38
C CYS B 197 -2.51 -11.59 7.29
N GLY B 198 -2.63 -11.35 8.59
CA GLY B 198 -2.40 -12.34 9.62
C GLY B 198 -1.83 -11.60 10.82
N SER B 199 -2.37 -11.85 12.00
CA SER B 199 -2.00 -11.08 13.17
C SER B 199 -1.18 -11.84 14.25
N LYS B 200 -0.56 -12.97 13.89
CA LYS B 200 0.27 -13.72 14.85
C LYS B 200 1.45 -12.88 15.35
N GLU B 201 2.11 -12.10 14.45
CA GLU B 201 3.27 -11.28 14.84
C GLU B 201 2.93 -9.84 15.07
N LYS B 202 2.15 -9.23 14.17
CA LYS B 202 1.77 -7.81 14.27
C LYS B 202 0.24 -7.69 14.24
N PRO B 203 -0.40 -7.01 15.20
CA PRO B 203 -1.87 -6.92 15.15
C PRO B 203 -2.39 -5.97 14.07
N GLY B 204 -3.68 -6.07 13.78
CA GLY B 204 -4.30 -5.15 12.83
C GLY B 204 -4.47 -3.79 13.50
N VAL B 205 -4.51 -2.73 12.73
CA VAL B 205 -4.63 -1.35 13.23
C VAL B 205 -6.00 -0.86 12.84
N TYR B 206 -6.73 -0.34 13.83
CA TYR B 206 -8.12 0.10 13.67
C TYR B 206 -8.30 1.57 14.05
N THR B 207 -9.15 2.34 13.34
CA THR B 207 -9.45 3.74 13.72
C THR B 207 -10.15 3.64 15.09
N ASN B 208 -9.70 4.45 16.09
CA ASN B 208 -10.20 4.44 17.47
C ASN B 208 -11.48 5.31 17.52
N VAL B 209 -12.61 4.66 17.29
CA VAL B 209 -13.92 5.30 17.17
C VAL B 209 -14.31 6.17 18.39
N CYS B 210 -14.05 5.75 19.64
CA CYS B 210 -14.37 6.51 20.88
C CYS B 210 -13.88 7.99 20.86
N ARG B 211 -12.80 8.26 20.10
CA ARG B 211 -12.22 9.58 19.92
C ARG B 211 -13.07 10.52 19.03
N TYR B 212 -14.04 9.97 18.27
CA TYR B 212 -14.81 10.72 17.27
C TYR B 212 -16.26 10.98 17.62
N THR B 213 -16.64 10.66 18.84
CA THR B 213 -18.01 10.84 19.33
C THR B 213 -18.56 12.25 19.05
N ASN B 214 -17.79 13.31 19.39
CA ASN B 214 -18.19 14.71 19.18
C ASN B 214 -18.27 15.08 17.70
N TRP B 215 -17.25 14.72 16.89
CA TRP B 215 -17.26 15.01 15.46
C TRP B 215 -18.45 14.33 14.75
N ILE B 216 -18.72 13.06 15.07
CA ILE B 216 -19.84 12.28 14.49
C ILE B 216 -21.17 12.97 14.86
N GLN B 217 -21.35 13.30 16.16
CA GLN B 217 -22.54 13.99 16.69
C GLN B 217 -22.81 15.30 15.94
N LYS B 218 -21.81 16.20 15.85
CA LYS B 218 -21.94 17.49 15.15
C LYS B 218 -22.20 17.36 13.64
N THR B 219 -21.61 16.34 12.99
CA THR B 219 -21.85 16.13 11.55
C THR B 219 -23.31 15.70 11.27
N ILE B 220 -23.82 14.72 12.03
CA ILE B 220 -25.18 14.17 11.89
C ILE B 220 -26.27 15.23 12.20
N GLN B 221 -26.13 15.98 13.30
CA GLN B 221 -27.13 17.00 13.62
C GLN B 221 -26.92 18.28 12.79
N ALA B 222 -28.03 18.91 12.36
CA ALA B 222 -28.02 20.13 11.55
C ALA B 222 -29.14 21.09 11.93
#